data_3F3C
#
_entry.id   3F3C
#
_cell.length_a   90.120
_cell.length_b   86.322
_cell.length_c   81.579
_cell.angle_alpha   90.00
_cell.angle_beta   95.19
_cell.angle_gamma   90.00
#
_symmetry.space_group_name_H-M   'C 1 2 1'
#
loop_
_entity.id
_entity.type
_entity.pdbx_description
1 polymer Transporter
2 non-polymer 4-FLUORO-L-PHENYLALANINE
3 non-polymer 'octyl beta-D-glucopyranoside'
4 non-polymer 'SODIUM ION'
5 water water
#
_entity_poly.entity_id   1
_entity_poly.type   'polypeptide(L)'
_entity_poly.pdbx_seq_one_letter_code
;MEVKREHWATRLGLILAMAGNAVGLGNFLRFPVQAAENGGGAFMIPYIIAFLLVGIPLMWIEWAMGRYGGAQGHGTTPAI
FYLLWRNRFAKILGVFGLWIPLVVAIYYVYIESWTLGFAIKFLVGLVPEPPPNATDPDSILRPFKEFLYSYIGVPKGDEP
ILKPSLFAYIVFLITMFINVSILIRGISKGIERFAKIAMPTLFILAVFLVIRVFLLETPNGTAADGLNFLWTPDFEKLKD
PGVWIAAVGQIFFTLSLGFGAIITYASYVRKDQDIVLSGLTAATLNEKAEVILGGSISIPAAVAFFGVANAVAIAKAGAF
NLGFITLPAIFSQTAGGTFLGFLWFFLLFFAGLTSSIAIMQPMIAFLEDELKLSRKHAVLWTAAIVFFSAHLVMFLNKSL
DEMDFWAGTIGVVFFGLTELIIFFWIFGADKAWEEINRGGIIKVPRIYYYVMRYITPAFLAVLLVVWAREYIPKIMEETH
WTVWITRFYIIGLFLFLTFLVFLAERRRNHESAGTLVPR
;
_entity_poly.pdbx_strand_id   A
#
# COMPACT_ATOMS: atom_id res chain seq x y z
N ARG A 5 -7.31 -23.37 -12.82
CA ARG A 5 -6.84 -22.08 -12.24
C ARG A 5 -5.52 -22.29 -11.52
N GLU A 6 -4.64 -21.28 -11.58
CA GLU A 6 -3.38 -21.32 -10.85
C GLU A 6 -3.63 -21.30 -9.36
N HIS A 7 -2.73 -21.93 -8.61
CA HIS A 7 -2.81 -21.95 -7.16
C HIS A 7 -1.44 -21.71 -6.58
N TRP A 8 -1.41 -21.29 -5.32
CA TRP A 8 -0.16 -21.15 -4.60
C TRP A 8 0.39 -22.55 -4.37
N ALA A 9 1.65 -22.76 -4.67
CA ALA A 9 2.25 -24.09 -4.57
C ALA A 9 2.41 -24.57 -3.12
N THR A 10 2.95 -23.70 -2.26
CA THR A 10 3.16 -24.05 -0.86
C THR A 10 2.50 -23.08 0.08
N ARG A 11 2.30 -23.50 1.33
CA ARG A 11 1.72 -22.66 2.35
C ARG A 11 2.66 -21.51 2.73
N LEU A 12 3.96 -21.80 2.78
CA LEU A 12 4.96 -20.79 3.09
C LEU A 12 4.95 -19.73 2.00
N GLY A 13 5.01 -20.18 0.75
CA GLY A 13 4.95 -19.29 -0.39
C GLY A 13 3.72 -18.41 -0.36
N LEU A 14 2.58 -18.98 0.05
CA LEU A 14 1.34 -18.23 0.19
C LEU A 14 1.51 -17.12 1.22
N ILE A 15 2.03 -17.49 2.39
CA ILE A 15 2.19 -16.55 3.51
C ILE A 15 3.16 -15.42 3.17
N LEU A 16 4.31 -15.78 2.61
CA LEU A 16 5.33 -14.80 2.25
C LEU A 16 4.87 -13.88 1.11
N ALA A 17 4.08 -14.43 0.20
CA ALA A 17 3.53 -13.64 -0.90
C ALA A 17 2.52 -12.63 -0.37
N MET A 18 1.69 -13.07 0.57
CA MET A 18 0.70 -12.21 1.21
C MET A 18 1.36 -11.21 2.16
N ALA A 19 2.48 -11.62 2.75
CA ALA A 19 3.26 -10.70 3.59
C ALA A 19 3.90 -9.65 2.70
N GLY A 20 4.37 -10.06 1.52
CA GLY A 20 4.98 -9.15 0.56
C GLY A 20 3.97 -8.18 0.00
N ASN A 21 2.74 -8.67 -0.18
CA ASN A 21 1.62 -7.83 -0.59
C ASN A 21 1.51 -6.68 0.42
N ALA A 22 1.36 -7.03 1.69
CA ALA A 22 1.13 -6.06 2.75
C ALA A 22 2.36 -5.22 3.13
N VAL A 23 3.49 -5.89 3.37
CA VAL A 23 4.73 -5.19 3.77
C VAL A 23 5.31 -4.38 2.62
N GLY A 24 5.26 -3.06 2.72
CA GLY A 24 5.72 -2.22 1.62
C GLY A 24 6.18 -0.84 2.01
N LEU A 25 6.06 0.09 1.06
CA LEU A 25 6.41 1.47 1.30
C LEU A 25 5.60 2.04 2.45
N GLY A 26 4.42 1.48 2.70
CA GLY A 26 3.57 1.93 3.80
C GLY A 26 4.19 1.69 5.17
N ASN A 27 4.96 0.61 5.29
CA ASN A 27 5.61 0.28 6.56
C ASN A 27 6.78 1.19 6.88
N PHE A 28 7.57 1.51 5.86
CA PHE A 28 8.82 2.22 6.05
C PHE A 28 8.75 3.71 5.76
N LEU A 29 7.87 4.11 4.85
CA LEU A 29 7.70 5.52 4.51
C LEU A 29 6.49 6.19 5.14
N ARG A 30 5.32 5.57 4.97
CA ARG A 30 4.03 6.17 5.39
C ARG A 30 3.82 6.09 6.91
N PHE A 31 3.99 4.91 7.50
CA PHE A 31 3.76 4.74 8.94
C PHE A 31 4.52 5.75 9.80
N PRO A 32 5.85 5.90 9.59
CA PRO A 32 6.56 6.84 10.47
C PRO A 32 6.03 8.27 10.35
N VAL A 33 5.71 8.71 9.14
CA VAL A 33 5.16 10.07 8.93
C VAL A 33 3.81 10.23 9.63
N GLN A 34 2.93 9.26 9.44
CA GLN A 34 1.61 9.27 10.07
C GLN A 34 1.71 9.26 11.60
N ALA A 35 2.54 8.40 12.15
CA ALA A 35 2.73 8.35 13.60
C ALA A 35 3.35 9.64 14.15
N ALA A 36 4.35 10.16 13.44
CA ALA A 36 5.03 11.39 13.89
C ALA A 36 4.11 12.62 13.86
N GLU A 37 3.30 12.74 12.82
CA GLU A 37 2.36 13.86 12.70
C GLU A 37 1.28 13.82 13.78
N ASN A 38 0.92 12.62 14.23
CA ASN A 38 -0.18 12.46 15.17
C ASN A 38 0.25 12.14 16.59
N GLY A 39 1.38 12.72 17.01
CA GLY A 39 1.85 12.63 18.39
C GLY A 39 2.53 11.36 18.86
N GLY A 40 3.04 10.56 17.92
CA GLY A 40 3.76 9.34 18.26
C GLY A 40 2.92 8.30 18.98
N GLY A 41 3.05 8.25 20.30
CA GLY A 41 2.30 7.30 21.13
C GLY A 41 0.81 7.58 21.15
N ALA A 42 0.45 8.83 20.86
CA ALA A 42 -0.94 9.25 20.77
C ALA A 42 -1.63 8.61 19.56
N PHE A 43 -0.82 8.29 18.55
CA PHE A 43 -1.29 7.66 17.34
C PHE A 43 -1.48 6.17 17.53
N MET A 44 -0.70 5.59 18.44
CA MET A 44 -0.61 4.13 18.57
C MET A 44 -1.82 3.43 19.22
N ILE A 45 -2.51 4.08 20.14
CA ILE A 45 -3.68 3.44 20.75
C ILE A 45 -4.84 3.30 19.73
N PRO A 46 -5.20 4.40 19.04
CA PRO A 46 -6.17 4.30 17.95
C PRO A 46 -5.72 3.32 16.87
N TYR A 47 -4.42 3.30 16.56
CA TYR A 47 -3.85 2.39 15.56
C TYR A 47 -4.07 0.93 15.95
N ILE A 48 -3.77 0.59 17.20
CA ILE A 48 -3.93 -0.76 17.70
C ILE A 48 -5.39 -1.18 17.70
N ILE A 49 -6.25 -0.28 18.18
CA ILE A 49 -7.69 -0.52 18.21
C ILE A 49 -8.25 -0.70 16.80
N ALA A 50 -7.72 0.06 15.84
CA ALA A 50 -8.11 -0.07 14.45
C ALA A 50 -7.65 -1.42 13.89
N PHE A 51 -6.47 -1.89 14.30
CA PHE A 51 -5.98 -3.18 13.86
C PHE A 51 -6.93 -4.30 14.29
N LEU A 52 -7.42 -4.22 15.52
CA LEU A 52 -8.29 -5.25 16.09
C LEU A 52 -9.74 -5.17 15.58
N LEU A 53 -10.28 -3.96 15.48
CA LEU A 53 -11.68 -3.80 15.09
C LEU A 53 -11.89 -3.68 13.59
N VAL A 54 -10.82 -3.39 12.84
CA VAL A 54 -10.93 -3.21 11.39
C VAL A 54 -9.95 -4.05 10.61
N GLY A 55 -8.65 -3.94 10.96
CA GLY A 55 -7.59 -4.64 10.25
C GLY A 55 -7.77 -6.14 10.14
N ILE A 56 -7.88 -6.80 11.29
CA ILE A 56 -8.08 -8.25 11.40
C ILE A 56 -9.37 -8.78 10.75
N PRO A 57 -10.55 -8.25 11.15
CA PRO A 57 -11.78 -8.77 10.55
C PRO A 57 -11.86 -8.61 9.02
N LEU A 58 -11.51 -7.43 8.50
CA LEU A 58 -11.50 -7.22 7.05
C LEU A 58 -10.52 -8.10 6.32
N MET A 59 -9.40 -8.40 6.97
CA MET A 59 -8.42 -9.32 6.40
CA MET A 59 -8.42 -9.30 6.40
C MET A 59 -9.05 -10.69 6.18
N TRP A 60 -9.68 -11.23 7.22
CA TRP A 60 -10.36 -12.55 7.11
C TRP A 60 -11.47 -12.51 6.07
N ILE A 61 -12.23 -11.42 6.07
CA ILE A 61 -13.32 -11.24 5.13
C ILE A 61 -12.83 -11.24 3.68
N GLU A 62 -11.74 -10.53 3.41
CA GLU A 62 -11.17 -10.45 2.05
C GLU A 62 -10.54 -11.77 1.58
N TRP A 63 -9.88 -12.48 2.49
CA TRP A 63 -9.35 -13.81 2.16
C TRP A 63 -10.50 -14.74 1.78
N ALA A 64 -11.57 -14.68 2.56
CA ALA A 64 -12.73 -15.54 2.36
C ALA A 64 -13.40 -15.28 1.02
N MET A 65 -13.62 -13.99 0.72
CA MET A 65 -14.24 -13.59 -0.54
C MET A 65 -13.43 -14.03 -1.74
N GLY A 66 -12.11 -13.86 -1.65
CA GLY A 66 -11.21 -14.29 -2.72
C GLY A 66 -11.21 -15.80 -2.90
N ARG A 67 -11.05 -16.54 -1.81
CA ARG A 67 -11.06 -18.01 -1.89
C ARG A 67 -12.39 -18.47 -2.48
N TYR A 68 -13.49 -17.95 -1.95
CA TYR A 68 -14.84 -18.22 -2.48
C TYR A 68 -14.92 -18.00 -3.98
N GLY A 69 -14.53 -16.81 -4.44
CA GLY A 69 -14.60 -16.48 -5.86
C GLY A 69 -13.66 -17.29 -6.73
N GLY A 70 -12.46 -17.55 -6.23
CA GLY A 70 -11.47 -18.34 -6.96
C GLY A 70 -11.94 -19.74 -7.28
N ALA A 71 -12.70 -20.34 -6.35
CA ALA A 71 -13.27 -21.67 -6.55
C ALA A 71 -14.19 -21.73 -7.77
N GLN A 72 -14.77 -20.59 -8.12
CA GLN A 72 -15.64 -20.50 -9.28
C GLN A 72 -14.94 -19.85 -10.47
N GLY A 73 -13.64 -19.64 -10.36
CA GLY A 73 -12.88 -19.05 -11.47
C GLY A 73 -12.90 -17.52 -11.54
N HIS A 74 -13.10 -16.86 -10.40
CA HIS A 74 -13.14 -15.40 -10.36
C HIS A 74 -12.29 -14.85 -9.22
N GLY A 75 -11.37 -13.97 -9.55
CA GLY A 75 -10.47 -13.40 -8.54
C GLY A 75 -10.70 -11.93 -8.23
N THR A 76 -11.55 -11.26 -9.02
CA THR A 76 -11.79 -9.83 -8.81
C THR A 76 -13.24 -9.51 -8.47
N THR A 77 -13.46 -8.30 -7.96
CA THR A 77 -14.75 -7.91 -7.35
C THR A 77 -15.95 -7.66 -8.27
N PRO A 78 -15.76 -7.25 -9.55
CA PRO A 78 -16.96 -7.19 -10.38
C PRO A 78 -17.75 -8.51 -10.41
N ALA A 79 -17.06 -9.62 -10.57
CA ALA A 79 -17.70 -10.94 -10.59
C ALA A 79 -18.01 -11.48 -9.19
N ILE A 80 -17.09 -11.28 -8.26
CA ILE A 80 -17.23 -11.82 -6.90
C ILE A 80 -18.39 -11.17 -6.15
N PHE A 81 -18.52 -9.86 -6.27
CA PHE A 81 -19.64 -9.12 -5.69
C PHE A 81 -20.98 -9.64 -6.22
N TYR A 82 -21.00 -10.00 -7.50
CA TYR A 82 -22.19 -10.50 -8.16
C TYR A 82 -22.56 -11.91 -7.69
N LEU A 83 -21.54 -12.68 -7.29
CA LEU A 83 -21.75 -14.02 -6.76
C LEU A 83 -22.37 -13.96 -5.38
N LEU A 84 -22.04 -12.91 -4.63
CA LEU A 84 -22.54 -12.73 -3.28
C LEU A 84 -23.86 -11.98 -3.28
N TRP A 85 -24.07 -11.22 -4.34
CA TRP A 85 -25.26 -10.41 -4.48
C TRP A 85 -25.60 -10.32 -5.96
N ARG A 86 -26.63 -11.08 -6.36
CA ARG A 86 -27.04 -11.20 -7.76
C ARG A 86 -27.82 -9.99 -8.25
N ASN A 87 -27.12 -8.87 -8.37
CA ASN A 87 -27.71 -7.61 -8.79
C ASN A 87 -26.70 -6.85 -9.66
N ARG A 88 -27.20 -6.19 -10.70
CA ARG A 88 -26.37 -5.44 -11.64
C ARG A 88 -25.54 -4.36 -10.94
N PHE A 89 -26.05 -3.89 -9.81
CA PHE A 89 -25.37 -2.88 -9.01
C PHE A 89 -24.11 -3.43 -8.31
N ALA A 90 -24.08 -4.74 -8.07
CA ALA A 90 -22.93 -5.39 -7.45
C ALA A 90 -21.74 -5.39 -8.38
N LYS A 91 -22.00 -5.60 -9.68
CA LYS A 91 -20.97 -5.52 -10.71
C LYS A 91 -20.38 -4.11 -10.77
N ILE A 92 -21.26 -3.11 -10.74
CA ILE A 92 -20.83 -1.70 -10.79
C ILE A 92 -20.00 -1.32 -9.57
N LEU A 93 -20.48 -1.69 -8.39
CA LEU A 93 -19.74 -1.45 -7.16
C LEU A 93 -18.45 -2.25 -7.19
N GLY A 94 -18.47 -3.38 -7.88
CA GLY A 94 -17.30 -4.25 -8.00
C GLY A 94 -16.18 -3.61 -8.79
N VAL A 95 -16.54 -2.68 -9.67
CA VAL A 95 -15.55 -1.99 -10.50
C VAL A 95 -14.48 -1.26 -9.65
N PHE A 96 -14.86 -0.84 -8.45
CA PHE A 96 -13.90 -0.17 -7.56
C PHE A 96 -12.72 -1.07 -7.16
N GLY A 97 -12.94 -2.39 -7.14
CA GLY A 97 -11.88 -3.33 -6.81
C GLY A 97 -10.93 -3.56 -7.97
N LEU A 98 -11.22 -2.91 -9.09
CA LEU A 98 -10.29 -2.87 -10.21
C LEU A 98 -9.70 -1.46 -10.30
N TRP A 99 -10.56 -0.46 -10.12
CA TRP A 99 -10.18 0.96 -10.23
C TRP A 99 -9.20 1.39 -9.13
N ILE A 100 -9.51 1.09 -7.88
CA ILE A 100 -8.61 1.47 -6.78
C ILE A 100 -7.18 0.97 -6.96
N PRO A 101 -6.98 -0.35 -7.17
CA PRO A 101 -5.60 -0.84 -7.34
C PRO A 101 -4.91 -0.34 -8.62
N LEU A 102 -5.68 -0.14 -9.69
CA LEU A 102 -5.06 0.41 -10.90
C LEU A 102 -4.59 1.85 -10.68
N VAL A 103 -5.42 2.68 -10.06
CA VAL A 103 -5.05 4.07 -9.82
C VAL A 103 -3.86 4.14 -8.84
N VAL A 104 -3.88 3.30 -7.82
CA VAL A 104 -2.80 3.28 -6.87
C VAL A 104 -1.51 2.82 -7.56
N ALA A 105 -1.63 1.82 -8.44
CA ALA A 105 -0.48 1.31 -9.19
C ALA A 105 0.22 2.42 -9.93
N ILE A 106 -0.60 3.28 -10.54
CA ILE A 106 -0.13 4.40 -11.37
C ILE A 106 0.83 5.36 -10.63
N TYR A 107 0.69 5.49 -9.32
CA TYR A 107 1.65 6.32 -8.58
C TYR A 107 2.61 5.52 -7.69
N TYR A 108 2.19 4.32 -7.27
CA TYR A 108 2.99 3.49 -6.39
C TYR A 108 4.23 2.97 -7.11
N VAL A 109 4.06 2.52 -8.35
CA VAL A 109 5.20 1.99 -9.08
C VAL A 109 6.22 3.10 -9.35
N TYR A 110 5.73 4.32 -9.57
CA TYR A 110 6.62 5.43 -9.87
C TYR A 110 7.47 5.74 -8.65
N ILE A 111 6.84 5.80 -7.48
CA ILE A 111 7.58 6.03 -6.25
C ILE A 111 8.56 4.87 -5.97
N GLU A 112 8.14 3.66 -6.31
CA GLU A 112 9.00 2.50 -6.19
C GLU A 112 10.23 2.68 -7.08
N SER A 113 10.00 3.21 -8.28
CA SER A 113 11.11 3.46 -9.20
C SER A 113 12.14 4.44 -8.62
N TRP A 114 11.69 5.40 -7.80
CA TRP A 114 12.63 6.34 -7.16
C TRP A 114 13.56 5.62 -6.19
N THR A 115 13.04 4.68 -5.42
CA THR A 115 13.86 3.94 -4.46
C THR A 115 14.95 3.17 -5.20
N LEU A 116 14.60 2.60 -6.34
CA LEU A 116 15.58 1.90 -7.16
C LEU A 116 16.66 2.87 -7.69
N GLY A 117 16.22 4.01 -8.22
CA GLY A 117 17.14 5.01 -8.75
C GLY A 117 18.06 5.54 -7.66
N PHE A 118 17.52 5.77 -6.47
CA PHE A 118 18.33 6.18 -5.33
C PHE A 118 19.28 5.05 -4.89
N ALA A 119 18.82 3.80 -4.92
CA ALA A 119 19.67 2.67 -4.54
C ALA A 119 20.89 2.61 -5.45
N ILE A 120 20.64 2.73 -6.76
CA ILE A 120 21.69 2.73 -7.76
C ILE A 120 22.73 3.85 -7.52
N LYS A 121 22.26 5.09 -7.35
CA LYS A 121 23.18 6.21 -7.19
C LYS A 121 23.91 6.18 -5.85
N PHE A 122 23.26 5.66 -4.82
CA PHE A 122 23.89 5.56 -3.51
C PHE A 122 24.96 4.46 -3.50
N LEU A 123 24.74 3.41 -4.28
CA LEU A 123 25.68 2.30 -4.38
C LEU A 123 26.97 2.73 -5.06
N VAL A 124 26.82 3.49 -6.14
CA VAL A 124 27.93 3.94 -6.94
C VAL A 124 28.54 5.25 -6.41
N GLY A 125 27.98 5.74 -5.30
CA GLY A 125 28.49 6.95 -4.68
C GLY A 125 28.24 8.24 -5.44
N LEU A 126 27.25 8.22 -6.34
CA LEU A 126 26.88 9.42 -7.10
C LEU A 126 25.84 10.22 -6.31
N VAL A 127 26.24 10.60 -5.10
CA VAL A 127 25.37 11.28 -4.16
C VAL A 127 25.91 12.67 -3.85
N PRO A 128 25.13 13.49 -3.12
CA PRO A 128 25.61 14.83 -2.78
C PRO A 128 26.68 14.79 -1.69
N GLU A 129 27.60 15.76 -1.75
CA GLU A 129 28.62 15.92 -0.73
C GLU A 129 28.32 17.16 0.10
N PRO A 130 27.92 16.97 1.36
CA PRO A 130 27.67 18.10 2.25
C PRO A 130 28.98 18.71 2.74
N PRO A 131 28.98 20.02 3.07
CA PRO A 131 30.16 20.69 3.62
C PRO A 131 30.62 20.06 4.93
N PRO A 132 31.91 19.68 5.02
CA PRO A 132 32.47 19.08 6.22
C PRO A 132 32.99 20.12 7.20
N THR A 135 28.86 23.83 10.75
CA THR A 135 27.95 23.36 9.71
C THR A 135 26.57 23.08 10.29
N ASP A 136 25.61 23.95 9.96
CA ASP A 136 24.23 23.83 10.41
C ASP A 136 23.51 22.70 9.67
N PRO A 137 22.34 22.27 10.20
CA PRO A 137 21.54 21.21 9.58
C PRO A 137 21.17 21.49 8.12
N ASP A 138 20.86 22.74 7.80
CA ASP A 138 20.43 23.09 6.44
C ASP A 138 21.57 23.01 5.41
N SER A 139 22.82 23.13 5.86
CA SER A 139 23.96 22.97 4.96
C SER A 139 24.13 21.49 4.63
N ILE A 140 23.60 20.62 5.49
CA ILE A 140 23.64 19.18 5.28
C ILE A 140 22.43 18.68 4.49
N LEU A 141 21.24 19.17 4.87
CA LEU A 141 19.97 18.75 4.26
C LEU A 141 19.76 19.25 2.83
N ARG A 142 20.20 20.48 2.55
CA ARG A 142 19.95 21.11 1.25
C ARG A 142 20.47 20.34 0.05
N PRO A 143 21.73 19.85 0.10
CA PRO A 143 22.21 19.05 -1.02
C PRO A 143 21.32 17.82 -1.30
N PHE A 144 20.75 17.24 -0.25
CA PHE A 144 19.89 16.07 -0.43
C PHE A 144 18.48 16.45 -0.89
N LYS A 145 18.00 17.61 -0.47
CA LYS A 145 16.73 18.15 -0.97
C LYS A 145 16.83 18.42 -2.46
N GLU A 146 17.94 19.03 -2.88
CA GLU A 146 18.17 19.34 -4.29
C GLU A 146 18.36 18.07 -5.11
N PHE A 147 18.92 17.05 -4.47
CA PHE A 147 19.13 15.76 -5.10
C PHE A 147 17.77 15.10 -5.44
N LEU A 148 16.86 15.11 -4.49
CA LEU A 148 15.52 14.57 -4.75
C LEU A 148 14.81 15.45 -5.78
N TYR A 149 14.87 16.76 -5.57
CA TYR A 149 14.21 17.74 -6.46
C TYR A 149 14.65 17.65 -7.91
N SER A 150 15.93 17.35 -8.15
CA SER A 150 16.43 17.21 -9.51
C SER A 150 16.04 15.86 -10.12
N TYR A 151 15.83 14.87 -9.26
CA TYR A 151 15.48 13.52 -9.71
C TYR A 151 14.04 13.54 -10.23
N ILE A 152 13.11 13.95 -9.38
CA ILE A 152 11.69 13.98 -9.77
C ILE A 152 11.30 15.26 -10.52
N GLY A 153 12.18 16.26 -10.48
CA GLY A 153 11.99 17.49 -11.25
C GLY A 153 10.97 18.48 -10.73
N VAL A 154 11.00 18.76 -9.44
CA VAL A 154 10.10 19.72 -8.80
C VAL A 154 10.09 21.07 -9.55
N PRO A 155 8.91 21.70 -9.71
CA PRO A 155 8.83 22.98 -10.42
C PRO A 155 9.69 24.06 -9.77
N LYS A 156 10.44 24.79 -10.60
CA LYS A 156 11.30 25.87 -10.11
C LYS A 156 10.61 27.23 -10.32
N GLY A 157 9.58 27.26 -11.15
CA GLY A 157 8.79 28.46 -11.37
C GLY A 157 7.43 28.33 -10.72
N ASP A 158 6.40 28.86 -11.39
CA ASP A 158 5.05 28.82 -10.85
C ASP A 158 4.10 27.94 -11.69
N GLU A 159 4.64 27.31 -12.74
CA GLU A 159 3.87 26.35 -13.50
C GLU A 159 3.89 25.01 -12.75
N PRO A 160 2.73 24.33 -12.68
CA PRO A 160 2.58 23.09 -11.91
C PRO A 160 3.08 21.87 -12.67
N ILE A 161 4.27 22.01 -13.26
CA ILE A 161 4.83 21.01 -14.16
C ILE A 161 6.13 20.41 -13.61
N LEU A 162 6.20 19.08 -13.57
CA LEU A 162 7.40 18.38 -13.15
C LEU A 162 8.26 18.02 -14.33
N LYS A 163 9.57 17.96 -14.13
CA LYS A 163 10.51 17.62 -15.19
C LYS A 163 11.53 16.59 -14.72
N PRO A 164 11.12 15.31 -14.65
CA PRO A 164 11.97 14.22 -14.18
C PRO A 164 13.27 14.10 -14.96
N SER A 165 14.35 13.74 -14.28
CA SER A 165 15.62 13.56 -14.96
C SER A 165 15.49 12.41 -15.95
N LEU A 166 16.37 12.39 -16.94
CA LEU A 166 16.41 11.27 -17.86
C LEU A 166 16.66 9.98 -17.07
N PHE A 167 17.49 10.05 -16.04
CA PHE A 167 17.79 8.88 -15.22
C PHE A 167 16.53 8.33 -14.53
N ALA A 168 15.74 9.23 -13.95
CA ALA A 168 14.49 8.85 -13.27
C ALA A 168 13.51 8.16 -14.21
N TYR A 169 13.41 8.67 -15.44
CA TYR A 169 12.51 8.15 -16.45
C TYR A 169 12.88 6.73 -16.88
N ILE A 170 14.17 6.52 -17.15
CA ILE A 170 14.67 5.22 -17.59
C ILE A 170 14.52 4.18 -16.48
N VAL A 171 14.78 4.61 -15.25
CA VAL A 171 14.63 3.75 -14.09
C VAL A 171 13.15 3.38 -13.87
N PHE A 172 12.23 4.27 -14.26
CA PHE A 172 10.81 3.91 -14.19
C PHE A 172 10.53 2.78 -15.16
N LEU A 173 11.02 2.93 -16.39
CA LEU A 173 10.92 1.87 -17.39
C LEU A 173 11.51 0.54 -16.94
N ILE A 174 12.65 0.59 -16.28
CA ILE A 174 13.31 -0.61 -15.76
C ILE A 174 12.45 -1.23 -14.65
N THR A 175 11.94 -0.39 -13.76
CA THR A 175 11.05 -0.84 -12.70
C THR A 175 9.83 -1.54 -13.27
N MET A 176 9.26 -0.97 -14.32
CA MET A 176 8.10 -1.57 -14.98
C MET A 176 8.53 -2.93 -15.54
N PHE A 177 9.69 -2.96 -16.18
CA PHE A 177 10.24 -4.19 -16.73
C PHE A 177 10.39 -5.28 -15.67
N ILE A 178 10.86 -4.89 -14.48
CA ILE A 178 11.09 -5.85 -13.39
C ILE A 178 9.78 -6.37 -12.84
N ASN A 179 8.77 -5.51 -12.80
CA ASN A 179 7.44 -5.95 -12.35
C ASN A 179 6.86 -6.94 -13.34
N VAL A 180 6.99 -6.64 -14.62
CA VAL A 180 6.49 -7.52 -15.68
C VAL A 180 7.18 -8.89 -15.65
N SER A 181 8.50 -8.88 -15.47
CA SER A 181 9.29 -10.12 -15.46
CA SER A 181 9.29 -10.12 -15.46
C SER A 181 8.80 -11.10 -14.39
N ILE A 182 8.41 -10.56 -13.25
CA ILE A 182 7.86 -11.40 -12.20
C ILE A 182 6.42 -11.83 -12.55
N LEU A 183 5.56 -10.87 -12.84
CA LEU A 183 4.13 -11.13 -13.08
C LEU A 183 3.86 -12.08 -14.25
N ILE A 184 4.67 -11.97 -15.30
CA ILE A 184 4.45 -12.73 -16.51
C ILE A 184 4.73 -14.22 -16.27
N ARG A 185 5.44 -14.54 -15.19
CA ARG A 185 5.70 -15.92 -14.84
C ARG A 185 4.58 -16.53 -14.00
N GLY A 186 3.63 -15.69 -13.58
CA GLY A 186 2.43 -16.19 -12.90
C GLY A 186 2.46 -16.19 -11.39
N ILE A 187 1.49 -16.88 -10.81
CA ILE A 187 1.30 -16.94 -9.37
C ILE A 187 2.39 -17.73 -8.64
N SER A 188 2.51 -19.02 -8.95
CA SER A 188 3.49 -19.88 -8.27
C SER A 188 4.94 -19.69 -8.74
N LYS A 189 5.14 -19.61 -10.04
CA LYS A 189 6.51 -19.49 -10.58
C LYS A 189 7.02 -18.05 -10.66
N GLY A 190 6.15 -17.07 -10.36
CA GLY A 190 6.56 -15.66 -10.41
C GLY A 190 6.47 -15.01 -9.06
N ILE A 191 5.26 -14.66 -8.66
CA ILE A 191 5.03 -13.98 -7.40
C ILE A 191 5.50 -14.79 -6.19
N GLU A 192 5.03 -16.03 -6.07
CA GLU A 192 5.35 -16.88 -4.92
C GLU A 192 6.85 -17.14 -4.81
N ARG A 193 7.46 -17.47 -5.94
CA ARG A 193 8.90 -17.72 -6.01
C ARG A 193 9.70 -16.49 -5.60
N PHE A 194 9.33 -15.32 -6.12
CA PHE A 194 10.04 -14.09 -5.76
C PHE A 194 9.87 -13.77 -4.30
N ALA A 195 8.65 -13.89 -3.79
CA ALA A 195 8.36 -13.67 -2.38
C ALA A 195 9.27 -14.49 -1.45
N LYS A 196 9.56 -15.74 -1.82
CA LYS A 196 10.42 -16.58 -0.98
C LYS A 196 11.85 -16.04 -0.89
N ILE A 197 12.29 -15.37 -1.96
CA ILE A 197 13.60 -14.76 -2.02
C ILE A 197 13.59 -13.35 -1.41
N ALA A 198 12.52 -12.60 -1.68
CA ALA A 198 12.47 -11.19 -1.29
C ALA A 198 12.20 -10.94 0.18
N MET A 199 11.32 -11.73 0.79
CA MET A 199 10.92 -11.45 2.18
C MET A 199 12.01 -11.66 3.24
N PRO A 200 12.76 -12.79 3.20
CA PRO A 200 13.90 -12.94 4.12
C PRO A 200 14.95 -11.85 3.93
N THR A 201 15.28 -11.56 2.68
CA THR A 201 16.21 -10.48 2.36
C THR A 201 15.77 -9.18 3.00
N LEU A 202 14.54 -8.79 2.71
CA LEU A 202 13.93 -7.57 3.21
C LEU A 202 13.97 -7.51 4.75
N PHE A 203 13.61 -8.60 5.41
CA PHE A 203 13.67 -8.69 6.87
CA PHE A 203 13.65 -8.63 6.86
C PHE A 203 15.09 -8.48 7.38
N ILE A 204 16.05 -9.10 6.70
CA ILE A 204 17.47 -9.00 7.07
C ILE A 204 17.98 -7.55 7.01
N LEU A 205 17.77 -6.91 5.87
CA LEU A 205 18.14 -5.51 5.69
C LEU A 205 17.52 -4.62 6.77
N ALA A 206 16.23 -4.83 7.04
CA ALA A 206 15.51 -4.00 8.00
C ALA A 206 16.08 -4.15 9.41
N VAL A 207 16.34 -5.39 9.80
CA VAL A 207 16.91 -5.65 11.13
C VAL A 207 18.28 -4.99 11.25
N PHE A 208 19.11 -5.14 10.23
CA PHE A 208 20.42 -4.52 10.24
C PHE A 208 20.29 -3.00 10.37
N LEU A 209 19.35 -2.42 9.63
CA LEU A 209 19.14 -0.97 9.66
C LEU A 209 18.66 -0.53 11.02
N VAL A 210 17.79 -1.32 11.63
CA VAL A 210 17.33 -1.04 12.98
C VAL A 210 18.51 -1.04 13.96
N ILE A 211 19.33 -2.08 13.88
CA ILE A 211 20.52 -2.19 14.72
C ILE A 211 21.45 -1.00 14.50
N ARG A 212 21.76 -0.71 13.25
CA ARG A 212 22.65 0.39 12.92
C ARG A 212 22.10 1.73 13.39
N VAL A 213 20.79 1.91 13.30
CA VAL A 213 20.16 3.16 13.74
C VAL A 213 20.15 3.26 15.27
N PHE A 214 19.98 2.13 15.94
CA PHE A 214 19.99 2.11 17.40
C PHE A 214 21.33 2.56 17.96
N LEU A 215 22.36 2.55 17.11
CA LEU A 215 23.70 3.00 17.49
C LEU A 215 23.93 4.50 17.26
N LEU A 216 22.93 5.19 16.71
CA LEU A 216 23.04 6.64 16.47
C LEU A 216 22.97 7.44 17.76
N GLU A 217 23.86 8.42 17.85
CA GLU A 217 24.02 9.22 19.06
C GLU A 217 24.64 10.57 18.70
N THR A 218 24.02 11.63 19.20
CA THR A 218 24.50 13.00 19.00
C THR A 218 24.16 13.80 20.25
N PRO A 219 24.74 15.01 20.38
CA PRO A 219 24.39 15.91 21.47
C PRO A 219 22.88 16.19 21.57
N ASN A 220 22.16 15.99 20.47
CA ASN A 220 20.71 16.23 20.43
C ASN A 220 19.86 15.07 20.94
N GLY A 221 20.47 13.91 21.11
CA GLY A 221 19.75 12.75 21.65
C GLY A 221 20.17 11.41 21.08
N THR A 222 19.44 10.36 21.48
CA THR A 222 19.72 9.01 21.04
C THR A 222 18.52 8.38 20.34
N ALA A 223 18.73 7.22 19.73
CA ALA A 223 17.66 6.47 19.08
C ALA A 223 16.57 6.11 20.08
N ALA A 224 16.98 5.87 21.32
CA ALA A 224 16.04 5.51 22.39
C ALA A 224 15.00 6.61 22.64
N ASP A 225 15.41 7.86 22.46
CA ASP A 225 14.49 8.99 22.61
C ASP A 225 13.36 8.92 21.58
N GLY A 226 13.70 8.47 20.37
CA GLY A 226 12.74 8.34 19.29
C GLY A 226 11.74 7.24 19.57
N LEU A 227 12.21 6.17 20.21
CA LEU A 227 11.36 5.05 20.59
C LEU A 227 10.36 5.44 21.68
N ASN A 228 10.85 6.16 22.69
CA ASN A 228 10.00 6.61 23.78
C ASN A 228 8.89 7.55 23.31
N PHE A 229 9.20 8.39 22.33
CA PHE A 229 8.20 9.28 21.74
C PHE A 229 7.11 8.50 21.01
N LEU A 230 7.50 7.40 20.35
CA LEU A 230 6.57 6.58 19.58
C LEU A 230 5.70 5.70 20.46
N TRP A 231 6.23 5.29 21.61
CA TRP A 231 5.53 4.32 22.46
C TRP A 231 5.05 4.86 23.81
N THR A 232 5.07 6.18 23.97
CA THR A 232 4.54 6.83 25.17
C THR A 232 3.14 7.35 24.87
N PRO A 233 2.12 6.71 25.48
CA PRO A 233 0.72 7.03 25.25
C PRO A 233 0.32 8.42 25.74
N ASP A 234 -0.48 9.11 24.94
CA ASP A 234 -1.05 10.39 25.30
C ASP A 234 -2.55 10.18 25.20
N PHE A 235 -3.21 10.13 26.35
CA PHE A 235 -4.65 9.80 26.40
C PHE A 235 -5.57 10.98 26.09
N GLU A 236 -5.00 12.18 26.08
CA GLU A 236 -5.77 13.39 25.79
C GLU A 236 -5.90 13.61 24.28
N LYS A 237 -5.48 12.60 23.51
CA LYS A 237 -5.56 12.67 22.04
C LYS A 237 -6.55 11.65 21.49
N LEU A 238 -7.05 10.77 22.36
CA LEU A 238 -8.05 9.77 21.98
C LEU A 238 -9.40 10.41 21.64
N LYS A 239 -9.51 11.71 21.90
CA LYS A 239 -10.75 12.44 21.67
C LYS A 239 -10.72 13.21 20.36
N ASP A 240 -9.54 13.26 19.74
CA ASP A 240 -9.38 13.94 18.45
C ASP A 240 -9.70 12.98 17.32
N PRO A 241 -10.77 13.28 16.55
CA PRO A 241 -11.19 12.48 15.40
C PRO A 241 -10.08 12.34 14.35
N GLY A 242 -9.30 13.40 14.16
CA GLY A 242 -8.20 13.41 13.20
C GLY A 242 -7.21 12.29 13.39
N VAL A 243 -6.92 11.95 14.64
CA VAL A 243 -5.97 10.87 14.93
C VAL A 243 -6.55 9.50 14.56
N TRP A 244 -7.85 9.32 14.79
CA TRP A 244 -8.54 8.07 14.47
C TRP A 244 -8.62 7.84 12.97
N ILE A 245 -8.90 8.90 12.23
CA ILE A 245 -8.96 8.85 10.78
C ILE A 245 -7.60 8.50 10.18
N ALA A 246 -6.55 9.12 10.70
CA ALA A 246 -5.20 8.84 10.25
C ALA A 246 -4.82 7.39 10.55
N ALA A 247 -5.22 6.92 11.72
CA ALA A 247 -4.90 5.56 12.18
C ALA A 247 -5.61 4.47 11.39
N VAL A 248 -6.87 4.71 11.04
CA VAL A 248 -7.65 3.73 10.29
C VAL A 248 -7.20 3.72 8.84
N GLY A 249 -6.87 4.90 8.30
CA GLY A 249 -6.36 5.00 6.95
C GLY A 249 -5.03 4.28 6.80
N GLN A 250 -4.20 4.34 7.84
CA GLN A 250 -2.89 3.67 7.80
C GLN A 250 -3.11 2.16 7.89
N ILE A 251 -3.98 1.74 8.79
CA ILE A 251 -4.35 0.32 8.90
C ILE A 251 -4.82 -0.23 7.57
N PHE A 252 -5.73 0.47 6.88
CA PHE A 252 -6.15 0.02 5.55
C PHE A 252 -4.97 -0.06 4.61
N PHE A 253 -4.26 1.05 4.47
CA PHE A 253 -3.16 1.11 3.51
C PHE A 253 -2.14 0.03 3.81
N THR A 254 -1.82 -0.14 5.09
CA THR A 254 -0.73 -1.05 5.47
C THR A 254 -1.09 -2.51 5.25
N LEU A 255 -2.30 -2.90 5.60
CA LEU A 255 -2.70 -4.29 5.42
C LEU A 255 -3.21 -4.60 4.02
N SER A 256 -3.07 -3.64 3.10
CA SER A 256 -3.53 -3.79 1.70
C SER A 256 -5.05 -4.00 1.56
N LEU A 257 -5.81 -3.49 2.53
CA LEU A 257 -7.26 -3.74 2.55
C LEU A 257 -8.07 -2.66 1.85
N GLY A 258 -9.06 -3.09 1.07
CA GLY A 258 -9.93 -2.17 0.36
C GLY A 258 -9.43 -1.89 -1.04
N PHE A 259 -8.38 -2.60 -1.45
CA PHE A 259 -7.77 -2.40 -2.76
C PHE A 259 -8.13 -3.52 -3.73
N GLY A 260 -8.98 -4.45 -3.28
CA GLY A 260 -9.34 -5.62 -4.10
C GLY A 260 -8.18 -6.58 -4.32
N ALA A 261 -7.06 -6.35 -3.65
CA ALA A 261 -5.81 -7.06 -3.94
C ALA A 261 -5.54 -8.27 -3.04
N ILE A 262 -5.98 -8.19 -1.79
CA ILE A 262 -5.96 -9.33 -0.89
C ILE A 262 -6.96 -10.36 -1.43
N ILE A 263 -8.07 -9.86 -1.95
CA ILE A 263 -9.11 -10.69 -2.55
C ILE A 263 -8.52 -11.52 -3.68
N THR A 264 -7.91 -10.83 -4.64
CA THR A 264 -7.33 -11.48 -5.81
C THR A 264 -6.26 -12.52 -5.48
N TYR A 265 -5.35 -12.20 -4.56
CA TYR A 265 -4.35 -13.16 -4.13
C TYR A 265 -5.01 -14.38 -3.53
N ALA A 266 -6.03 -14.16 -2.70
CA ALA A 266 -6.72 -15.25 -2.02
C ALA A 266 -7.51 -16.14 -2.98
N SER A 267 -7.81 -15.62 -4.17
CA SER A 267 -8.55 -16.41 -5.14
C SER A 267 -7.70 -17.52 -5.76
N TYR A 268 -6.41 -17.54 -5.39
CA TYR A 268 -5.51 -18.62 -5.85
C TYR A 268 -5.26 -19.61 -4.72
N VAL A 269 -5.90 -19.38 -3.60
CA VAL A 269 -5.89 -20.32 -2.48
C VAL A 269 -6.91 -21.41 -2.80
N ARG A 270 -6.53 -22.67 -2.60
CA ARG A 270 -7.42 -23.80 -2.90
C ARG A 270 -8.67 -23.78 -2.04
N LYS A 271 -9.79 -24.18 -2.65
CA LYS A 271 -11.13 -24.05 -2.06
C LYS A 271 -11.26 -24.40 -0.57
N ASP A 272 -10.55 -25.43 -0.11
CA ASP A 272 -10.68 -25.86 1.27
C ASP A 272 -9.46 -25.53 2.13
N GLN A 273 -8.46 -24.91 1.52
CA GLN A 273 -7.24 -24.51 2.21
C GLN A 273 -7.54 -23.44 3.27
N ASP A 274 -6.80 -23.48 4.38
CA ASP A 274 -7.00 -22.55 5.50
C ASP A 274 -6.77 -21.09 5.10
N ILE A 275 -7.57 -20.20 5.70
CA ILE A 275 -7.38 -18.77 5.52
C ILE A 275 -7.42 -18.05 6.86
N VAL A 276 -7.92 -18.72 7.90
CA VAL A 276 -7.99 -18.09 9.21
C VAL A 276 -6.58 -17.87 9.80
N LEU A 277 -5.79 -18.95 9.87
CA LEU A 277 -4.45 -18.85 10.41
C LEU A 277 -3.51 -18.16 9.44
N SER A 278 -3.64 -18.51 8.17
CA SER A 278 -2.85 -17.90 7.11
C SER A 278 -3.09 -16.39 7.09
N GLY A 279 -4.36 -15.99 7.19
CA GLY A 279 -4.72 -14.58 7.17
C GLY A 279 -4.14 -13.83 8.35
N LEU A 280 -4.39 -14.36 9.55
CA LEU A 280 -3.88 -13.77 10.77
C LEU A 280 -2.36 -13.64 10.73
N THR A 281 -1.69 -14.67 10.24
CA THR A 281 -0.23 -14.68 10.19
C THR A 281 0.32 -13.63 9.23
N ALA A 282 -0.28 -13.50 8.04
CA ALA A 282 0.18 -12.51 7.08
C ALA A 282 0.01 -11.09 7.63
N ALA A 283 -1.08 -10.88 8.37
CA ALA A 283 -1.38 -9.59 8.99
C ALA A 283 -0.46 -9.26 10.17
N THR A 284 -0.18 -10.26 11.00
CA THR A 284 0.76 -10.07 12.12
C THR A 284 2.18 -9.84 11.59
N LEU A 285 2.56 -10.57 10.55
CA LEU A 285 3.85 -10.33 9.92
C LEU A 285 4.00 -8.86 9.48
N ASN A 286 2.98 -8.34 8.80
CA ASN A 286 3.00 -6.93 8.41
C ASN A 286 3.09 -5.98 9.59
N GLU A 287 2.34 -6.26 10.65
CA GLU A 287 2.34 -5.38 11.81
C GLU A 287 3.70 -5.33 12.48
N LYS A 288 4.43 -6.44 12.48
CA LYS A 288 5.76 -6.48 13.06
CA LYS A 288 5.75 -6.47 13.08
C LYS A 288 6.74 -5.68 12.22
N ALA A 289 6.66 -5.88 10.91
CA ALA A 289 7.50 -5.14 9.99
C ALA A 289 7.20 -3.64 10.07
N GLU A 290 5.96 -3.31 10.44
CA GLU A 290 5.54 -1.91 10.54
C GLU A 290 5.95 -1.24 11.86
N VAL A 291 5.46 -1.76 12.98
CA VAL A 291 5.69 -1.06 14.25
C VAL A 291 7.09 -1.29 14.83
N ILE A 292 7.67 -2.46 14.57
CA ILE A 292 8.97 -2.79 15.13
C ILE A 292 10.11 -2.41 14.19
N LEU A 293 9.97 -2.74 12.92
CA LEU A 293 11.01 -2.44 11.94
C LEU A 293 10.85 -1.02 11.37
N GLY A 294 9.72 -0.77 10.70
CA GLY A 294 9.47 0.54 10.11
C GLY A 294 9.58 1.67 11.11
N GLY A 295 9.02 1.44 12.30
CA GLY A 295 9.00 2.45 13.36
C GLY A 295 10.34 2.72 14.03
N SER A 296 11.23 1.72 14.00
CA SER A 296 12.54 1.81 14.67
C SER A 296 13.66 2.38 13.80
N ILE A 297 13.37 2.66 12.54
CA ILE A 297 14.39 3.20 11.65
C ILE A 297 14.35 4.74 11.54
N SER A 298 13.34 5.25 10.83
CA SER A 298 13.23 6.68 10.50
C SER A 298 13.13 7.63 11.68
N ILE A 299 12.17 7.39 12.56
CA ILE A 299 11.94 8.26 13.70
C ILE A 299 13.15 8.30 14.65
N PRO A 300 13.59 7.15 15.18
CA PRO A 300 14.72 7.18 16.12
C PRO A 300 15.95 7.86 15.52
N ALA A 301 16.21 7.66 14.25
CA ALA A 301 17.34 8.32 13.59
C ALA A 301 17.16 9.84 13.53
N ALA A 302 15.96 10.27 13.14
CA ALA A 302 15.65 11.70 13.05
C ALA A 302 15.70 12.38 14.41
N VAL A 303 15.13 11.73 15.42
CA VAL A 303 15.11 12.26 16.77
C VAL A 303 16.52 12.28 17.40
N ALA A 304 17.34 11.31 17.05
CA ALA A 304 18.70 11.23 17.60
C ALA A 304 19.54 12.39 17.11
N PHE A 305 19.30 12.83 15.88
CA PHE A 305 20.08 13.92 15.30
C PHE A 305 19.47 15.30 15.51
N PHE A 306 18.14 15.38 15.62
CA PHE A 306 17.46 16.69 15.65
C PHE A 306 16.61 16.97 16.90
N GLY A 307 16.34 15.95 17.71
CA GLY A 307 15.46 16.10 18.86
C GLY A 307 14.02 15.82 18.45
N VAL A 308 13.16 15.51 19.42
CA VAL A 308 11.77 15.14 19.13
C VAL A 308 10.99 16.19 18.33
N ALA A 309 10.99 17.43 18.81
CA ALA A 309 10.24 18.53 18.20
C ALA A 309 10.61 18.81 16.75
N ASN A 310 11.91 18.75 16.43
CA ASN A 310 12.36 18.97 15.06
C ASN A 310 11.97 17.83 14.12
N ALA A 311 11.98 16.61 14.65
CA ALA A 311 11.64 15.42 13.89
C ALA A 311 10.19 15.46 13.45
N VAL A 312 9.31 15.75 14.40
CA VAL A 312 7.88 15.92 14.15
C VAL A 312 7.62 16.95 13.05
N ALA A 313 8.40 18.04 13.08
CA ALA A 313 8.31 19.12 12.10
C ALA A 313 8.75 18.64 10.72
N ILE A 314 9.81 17.84 10.70
CA ILE A 314 10.29 17.23 9.46
C ILE A 314 9.23 16.32 8.85
N ALA A 315 8.66 15.43 9.67
CA ALA A 315 7.62 14.52 9.21
C ALA A 315 6.43 15.27 8.61
N LYS A 316 6.01 16.35 9.28
CA LYS A 316 4.91 17.19 8.79
C LYS A 316 5.26 17.90 7.48
N ALA A 317 6.55 18.08 7.21
CA ALA A 317 7.01 18.84 6.05
C ALA A 317 6.54 18.26 4.73
N GLY A 318 6.50 16.93 4.66
CA GLY A 318 6.05 16.24 3.47
C GLY A 318 6.01 14.75 3.70
N ALA A 319 5.57 14.01 2.70
CA ALA A 319 5.50 12.56 2.82
C ALA A 319 6.86 11.91 2.51
N PHE A 320 7.63 12.54 1.63
CA PHE A 320 8.88 11.97 1.13
C PHE A 320 10.13 12.58 1.75
N ASN A 321 9.98 13.73 2.41
CA ASN A 321 11.05 14.43 3.08
C ASN A 321 11.84 13.51 4.04
N LEU A 322 11.15 12.80 4.91
CA LEU A 322 11.81 11.98 5.92
C LEU A 322 12.66 10.83 5.35
N GLY A 323 12.11 10.10 4.38
CA GLY A 323 12.76 8.94 3.81
C GLY A 323 13.70 9.20 2.64
N PHE A 324 13.44 10.24 1.87
CA PHE A 324 14.27 10.53 0.70
C PHE A 324 15.29 11.65 0.92
N ILE A 325 15.08 12.46 1.96
CA ILE A 325 15.96 13.60 2.24
C ILE A 325 16.61 13.48 3.60
N THR A 326 15.80 13.46 4.65
CA THR A 326 16.32 13.49 6.02
C THR A 326 17.18 12.27 6.36
N LEU A 327 16.65 11.06 6.17
CA LEU A 327 17.40 9.87 6.54
C LEU A 327 18.74 9.76 5.80
N PRO A 328 18.76 9.88 4.46
CA PRO A 328 20.07 9.82 3.79
C PRO A 328 21.04 10.95 4.18
N ALA A 329 20.50 12.12 4.57
CA ALA A 329 21.32 13.23 5.03
C ALA A 329 21.97 12.88 6.36
N ILE A 330 21.16 12.31 7.26
CA ILE A 330 21.65 11.85 8.55
C ILE A 330 22.74 10.79 8.37
N PHE A 331 22.45 9.80 7.53
CA PHE A 331 23.42 8.73 7.25
C PHE A 331 24.75 9.27 6.75
N SER A 332 24.70 10.32 5.95
CA SER A 332 25.90 10.90 5.34
C SER A 332 26.88 11.45 6.37
N GLN A 333 26.44 11.57 7.61
CA GLN A 333 27.26 12.10 8.69
C GLN A 333 27.83 10.96 9.52
N THR A 334 27.68 9.73 9.02
CA THR A 334 28.10 8.53 9.73
C THR A 334 29.05 7.70 8.86
N ALA A 335 30.00 7.01 9.48
CA ALA A 335 30.96 6.17 8.75
C ALA A 335 30.24 5.08 7.95
N GLY A 336 30.51 5.04 6.64
CA GLY A 336 29.86 4.08 5.75
C GLY A 336 28.43 4.47 5.46
N GLY A 337 28.08 5.74 5.71
CA GLY A 337 26.72 6.23 5.58
C GLY A 337 26.11 6.22 4.18
N THR A 338 26.93 6.35 3.16
CA THR A 338 26.44 6.28 1.78
C THR A 338 25.95 4.87 1.48
N PHE A 339 26.72 3.87 1.91
CA PHE A 339 26.32 2.47 1.72
C PHE A 339 25.08 2.13 2.52
N LEU A 340 24.95 2.72 3.70
CA LEU A 340 23.79 2.51 4.53
C LEU A 340 22.55 3.14 3.86
N GLY A 341 22.77 4.26 3.19
CA GLY A 341 21.75 4.91 2.38
C GLY A 341 21.31 3.94 1.31
N PHE A 342 22.27 3.25 0.68
CA PHE A 342 21.97 2.23 -0.32
C PHE A 342 21.14 1.08 0.24
N LEU A 343 21.53 0.55 1.39
CA LEU A 343 20.78 -0.53 2.01
C LEU A 343 19.33 -0.12 2.33
N TRP A 344 19.16 1.13 2.77
CA TRP A 344 17.84 1.69 3.05
C TRP A 344 17.00 1.75 1.76
N PHE A 345 17.56 2.30 0.70
CA PHE A 345 16.81 2.37 -0.55
C PHE A 345 16.60 1.04 -1.24
N PHE A 346 17.54 0.13 -1.07
CA PHE A 346 17.38 -1.23 -1.59
C PHE A 346 16.24 -1.93 -0.83
N LEU A 347 16.20 -1.74 0.49
CA LEU A 347 15.10 -2.22 1.32
C LEU A 347 13.74 -1.70 0.84
N LEU A 348 13.65 -0.39 0.60
CA LEU A 348 12.39 0.20 0.15
C LEU A 348 12.00 -0.39 -1.18
N PHE A 349 12.96 -0.60 -2.06
CA PHE A 349 12.67 -1.13 -3.38
C PHE A 349 12.05 -2.53 -3.36
N PHE A 350 12.60 -3.41 -2.53
CA PHE A 350 12.06 -4.76 -2.37
C PHE A 350 10.73 -4.70 -1.64
N ALA A 351 10.62 -3.78 -0.71
CA ALA A 351 9.34 -3.56 -0.07
C ALA A 351 8.33 -3.09 -1.12
N GLY A 352 8.72 -2.16 -1.99
CA GLY A 352 7.82 -1.67 -3.03
C GLY A 352 7.49 -2.75 -4.06
N LEU A 353 8.52 -3.40 -4.59
CA LEU A 353 8.35 -4.42 -5.62
C LEU A 353 7.42 -5.57 -5.21
N THR A 354 7.62 -6.14 -4.01
CA THR A 354 6.75 -7.22 -3.58
C THR A 354 5.29 -6.75 -3.47
N SER A 355 5.09 -5.45 -3.30
CA SER A 355 3.75 -4.88 -3.17
C SER A 355 3.14 -4.49 -4.49
N SER A 356 3.95 -4.00 -5.41
CA SER A 356 3.43 -3.54 -6.70
C SER A 356 3.06 -4.70 -7.62
N ILE A 357 3.61 -5.89 -7.39
CA ILE A 357 3.17 -7.04 -8.18
C ILE A 357 1.76 -7.44 -7.70
N ALA A 358 1.53 -7.29 -6.41
CA ALA A 358 0.22 -7.51 -5.80
C ALA A 358 -0.85 -6.52 -6.25
N ILE A 359 -0.48 -5.25 -6.41
CA ILE A 359 -1.43 -4.20 -6.78
CA ILE A 359 -1.46 -4.24 -6.75
CA ILE A 359 -1.43 -4.21 -6.77
C ILE A 359 -1.86 -4.29 -8.23
N MET A 360 -0.99 -4.85 -9.07
CA MET A 360 -1.30 -4.96 -10.50
C MET A 360 -1.99 -6.27 -10.89
N GLN A 361 -1.98 -7.24 -9.97
CA GLN A 361 -2.58 -8.56 -10.22
C GLN A 361 -4.12 -8.55 -10.38
N PRO A 362 -4.85 -7.70 -9.62
CA PRO A 362 -6.30 -7.63 -9.86
C PRO A 362 -6.64 -7.34 -11.31
N MET A 363 -5.95 -6.37 -11.92
CA MET A 363 -6.18 -6.07 -13.33
C MET A 363 -5.82 -7.28 -14.21
N ILE A 364 -4.72 -7.94 -13.90
CA ILE A 364 -4.30 -9.13 -14.65
C ILE A 364 -5.33 -10.25 -14.48
N ALA A 365 -5.74 -10.50 -13.23
CA ALA A 365 -6.74 -11.53 -12.95
C ALA A 365 -8.05 -11.26 -13.68
N PHE A 366 -8.46 -9.99 -13.74
CA PHE A 366 -9.71 -9.64 -14.44
C PHE A 366 -9.64 -9.97 -15.91
N LEU A 367 -8.55 -9.58 -16.56
CA LEU A 367 -8.40 -9.82 -17.99
C LEU A 367 -8.30 -11.32 -18.31
N GLU A 368 -7.64 -12.07 -17.43
CA GLU A 368 -7.56 -13.52 -17.55
C GLU A 368 -8.91 -14.18 -17.31
N ASP A 369 -9.46 -13.97 -16.12
CA ASP A 369 -10.72 -14.57 -15.69
C ASP A 369 -11.91 -14.20 -16.56
N GLU A 370 -12.10 -12.90 -16.79
CA GLU A 370 -13.35 -12.41 -17.40
C GLU A 370 -13.26 -12.14 -18.90
N LEU A 371 -12.11 -11.73 -19.39
CA LEU A 371 -11.96 -11.45 -20.82
C LEU A 371 -11.15 -12.52 -21.55
N LYS A 372 -10.77 -13.56 -20.81
CA LYS A 372 -10.08 -14.74 -21.34
C LYS A 372 -8.77 -14.44 -22.07
N LEU A 373 -8.06 -13.41 -21.61
CA LEU A 373 -6.73 -13.12 -22.11
C LEU A 373 -5.74 -14.13 -21.55
N SER A 374 -4.72 -14.44 -22.32
CA SER A 374 -3.64 -15.27 -21.78
C SER A 374 -2.91 -14.44 -20.72
N ARG A 375 -2.08 -15.09 -19.92
CA ARG A 375 -1.31 -14.41 -18.88
C ARG A 375 -0.37 -13.37 -19.49
N LYS A 376 0.37 -13.77 -20.51
CA LYS A 376 1.24 -12.87 -21.25
C LYS A 376 0.54 -11.57 -21.63
N HIS A 377 -0.56 -11.68 -22.38
CA HIS A 377 -1.28 -10.50 -22.84
C HIS A 377 -1.87 -9.68 -21.69
N ALA A 378 -2.38 -10.35 -20.67
CA ALA A 378 -2.97 -9.66 -19.53
C ALA A 378 -1.94 -8.81 -18.79
N VAL A 379 -0.74 -9.36 -18.61
CA VAL A 379 0.36 -8.67 -17.95
C VAL A 379 0.86 -7.49 -18.77
N LEU A 380 1.06 -7.72 -20.07
CA LEU A 380 1.58 -6.68 -20.95
C LEU A 380 0.62 -5.50 -21.11
N TRP A 381 -0.67 -5.79 -21.26
CA TRP A 381 -1.68 -4.74 -21.40
C TRP A 381 -1.85 -3.97 -20.11
N THR A 382 -1.79 -4.68 -18.98
CA THR A 382 -1.86 -4.07 -17.66
C THR A 382 -0.67 -3.11 -17.47
N ALA A 383 0.53 -3.58 -17.77
CA ALA A 383 1.74 -2.76 -17.67
C ALA A 383 1.67 -1.54 -18.61
N ALA A 384 1.11 -1.75 -19.80
CA ALA A 384 0.93 -0.67 -20.77
C ALA A 384 0.01 0.45 -20.25
N ILE A 385 -1.08 0.07 -19.57
CA ILE A 385 -2.02 1.06 -19.01
C ILE A 385 -1.39 1.80 -17.84
N VAL A 386 -0.69 1.06 -16.98
CA VAL A 386 -0.03 1.68 -15.85
C VAL A 386 1.10 2.62 -16.30
N PHE A 387 1.89 2.17 -17.27
CA PHE A 387 3.02 2.95 -17.80
C PHE A 387 2.53 4.23 -18.48
N PHE A 388 1.65 4.08 -19.45
CA PHE A 388 1.08 5.25 -20.11
C PHE A 388 0.49 6.22 -19.09
N SER A 389 -0.34 5.70 -18.18
CA SER A 389 -1.06 6.52 -17.21
C SER A 389 -0.15 7.23 -16.21
N ALA A 390 1.03 6.65 -15.99
CA ALA A 390 1.98 7.17 -15.02
C ALA A 390 2.59 8.48 -15.47
N HIS A 391 2.56 8.73 -16.77
CA HIS A 391 3.04 10.00 -17.31
C HIS A 391 2.30 11.20 -16.71
N LEU A 392 1.08 10.97 -16.24
CA LEU A 392 0.34 12.04 -15.59
C LEU A 392 1.00 12.38 -14.26
N VAL A 393 1.31 11.35 -13.50
CA VAL A 393 1.92 11.50 -12.19
C VAL A 393 3.39 11.98 -12.27
N MET A 394 4.07 11.60 -13.36
CA MET A 394 5.45 11.98 -13.59
C MET A 394 5.63 13.46 -13.98
N PHE A 395 4.65 14.02 -14.69
CA PHE A 395 4.78 15.36 -15.28
C PHE A 395 3.85 16.44 -14.73
N LEU A 396 2.81 16.05 -13.99
CA LEU A 396 1.88 17.03 -13.42
C LEU A 396 2.01 17.09 -11.90
N ASN A 397 2.46 18.23 -11.40
CA ASN A 397 2.70 18.40 -9.98
C ASN A 397 1.42 18.20 -9.16
N LYS A 398 1.49 17.35 -8.14
CA LYS A 398 0.34 17.07 -7.24
C LYS A 398 -0.70 16.05 -7.76
N SER A 399 -0.52 15.55 -8.97
CA SER A 399 -1.39 14.50 -9.51
C SER A 399 -1.33 13.27 -8.63
N LEU A 400 -0.11 12.89 -8.24
CA LEU A 400 0.13 11.79 -7.31
C LEU A 400 -0.73 11.94 -6.06
N ASP A 401 -0.74 13.15 -5.51
CA ASP A 401 -1.49 13.44 -4.29
C ASP A 401 -2.99 13.23 -4.46
N GLU A 402 -3.48 13.60 -5.63
CA GLU A 402 -4.92 13.52 -5.92
C GLU A 402 -5.37 12.07 -6.10
N MET A 403 -4.55 11.28 -6.78
CA MET A 403 -4.83 9.85 -6.95
C MET A 403 -4.80 9.14 -5.60
N ASP A 404 -3.79 9.47 -4.79
CA ASP A 404 -3.65 8.85 -3.47
C ASP A 404 -4.80 9.19 -2.52
N PHE A 405 -5.36 10.37 -2.66
CA PHE A 405 -6.51 10.73 -1.85
C PHE A 405 -7.77 9.96 -2.29
N TRP A 406 -8.13 10.03 -3.56
CA TRP A 406 -9.40 9.39 -4.00
C TRP A 406 -9.38 7.87 -4.00
N ALA A 407 -8.27 7.28 -4.44
CA ALA A 407 -8.19 5.81 -4.49
C ALA A 407 -7.58 5.23 -3.24
N GLY A 408 -6.39 5.70 -2.88
CA GLY A 408 -5.65 5.12 -1.75
C GLY A 408 -6.08 5.54 -0.37
N THR A 409 -6.93 6.56 -0.27
CA THR A 409 -7.35 7.02 1.06
C THR A 409 -8.86 6.89 1.27
N ILE A 410 -9.64 7.68 0.55
CA ILE A 410 -11.10 7.62 0.64
C ILE A 410 -11.61 6.30 0.10
N GLY A 411 -11.18 5.98 -1.12
CA GLY A 411 -11.59 4.78 -1.83
C GLY A 411 -11.51 3.50 -1.03
N VAL A 412 -10.38 3.26 -0.36
CA VAL A 412 -10.22 1.98 0.35
C VAL A 412 -11.19 1.81 1.53
N VAL A 413 -11.46 2.90 2.25
CA VAL A 413 -12.36 2.85 3.41
C VAL A 413 -13.79 2.59 2.95
N PHE A 414 -14.19 3.32 1.92
CA PHE A 414 -15.49 3.13 1.26
C PHE A 414 -15.63 1.69 0.78
N PHE A 415 -14.61 1.17 0.12
CA PHE A 415 -14.66 -0.19 -0.40
C PHE A 415 -14.65 -1.22 0.72
N GLY A 416 -13.88 -0.95 1.77
CA GLY A 416 -13.87 -1.82 2.95
C GLY A 416 -15.29 -1.98 3.50
N LEU A 417 -15.99 -0.86 3.68
CA LEU A 417 -17.35 -0.87 4.17
C LEU A 417 -18.29 -1.57 3.20
N THR A 418 -18.11 -1.29 1.91
CA THR A 418 -18.92 -1.89 0.86
C THR A 418 -18.79 -3.40 0.86
N GLU A 419 -17.55 -3.90 0.85
CA GLU A 419 -17.31 -5.32 0.73
C GLU A 419 -17.84 -6.05 1.95
N LEU A 420 -17.76 -5.42 3.12
CA LEU A 420 -18.27 -6.04 4.34
C LEU A 420 -19.79 -6.14 4.30
N ILE A 421 -20.47 -5.05 3.95
CA ILE A 421 -21.93 -5.06 3.85
C ILE A 421 -22.39 -6.14 2.89
N ILE A 422 -21.76 -6.21 1.73
CA ILE A 422 -22.11 -7.22 0.74
C ILE A 422 -21.92 -8.66 1.26
N PHE A 423 -20.79 -8.91 1.91
CA PHE A 423 -20.45 -10.26 2.40
C PHE A 423 -21.20 -10.66 3.67
N PHE A 424 -21.15 -9.80 4.68
CA PHE A 424 -21.76 -10.09 5.98
C PHE A 424 -23.22 -9.69 6.16
N TRP A 425 -23.75 -8.86 5.27
CA TRP A 425 -25.15 -8.44 5.39
C TRP A 425 -26.02 -8.99 4.26
N ILE A 426 -25.65 -8.68 3.01
CA ILE A 426 -26.43 -9.11 1.85
C ILE A 426 -26.32 -10.62 1.62
N PHE A 427 -25.09 -11.10 1.48
CA PHE A 427 -24.82 -12.52 1.27
C PHE A 427 -25.29 -13.34 2.47
N GLY A 428 -25.12 -12.80 3.68
CA GLY A 428 -25.61 -13.45 4.89
C GLY A 428 -24.51 -13.63 5.91
N ALA A 429 -24.75 -13.15 7.13
CA ALA A 429 -23.75 -13.22 8.20
C ALA A 429 -23.33 -14.64 8.57
N ASP A 430 -24.31 -15.52 8.75
CA ASP A 430 -24.03 -16.91 9.11
C ASP A 430 -23.37 -17.66 7.96
N LYS A 431 -23.79 -17.35 6.74
CA LYS A 431 -23.17 -17.93 5.54
C LYS A 431 -21.75 -17.38 5.35
N ALA A 432 -21.54 -16.13 5.71
CA ALA A 432 -20.23 -15.52 5.60
C ALA A 432 -19.32 -16.12 6.65
N TRP A 433 -19.82 -16.17 7.87
CA TRP A 433 -19.11 -16.77 9.00
C TRP A 433 -18.66 -18.20 8.73
N GLU A 434 -19.52 -18.98 8.08
CA GLU A 434 -19.18 -20.36 7.72
C GLU A 434 -18.17 -20.43 6.58
N GLU A 435 -18.24 -19.48 5.65
CA GLU A 435 -17.29 -19.45 4.53
C GLU A 435 -15.88 -19.12 5.02
N ILE A 436 -15.77 -18.16 5.93
CA ILE A 436 -14.47 -17.78 6.50
C ILE A 436 -13.85 -18.96 7.24
N ASN A 437 -14.64 -19.59 8.10
CA ASN A 437 -14.14 -20.66 8.96
C ASN A 437 -13.89 -22.01 8.28
N ARG A 438 -14.50 -22.24 7.12
CA ARG A 438 -14.30 -23.52 6.44
C ARG A 438 -12.82 -23.77 6.13
N GLY A 439 -12.33 -24.94 6.54
CA GLY A 439 -10.95 -25.33 6.29
C GLY A 439 -9.94 -24.73 7.25
N GLY A 440 -10.43 -23.92 8.19
CA GLY A 440 -9.55 -23.25 9.13
C GLY A 440 -8.73 -24.20 9.99
N ILE A 441 -7.44 -23.90 10.12
CA ILE A 441 -6.59 -24.61 11.05
C ILE A 441 -7.03 -24.21 12.46
N ILE A 442 -7.35 -22.94 12.64
CA ILE A 442 -8.04 -22.50 13.85
C ILE A 442 -9.34 -21.81 13.43
N LYS A 443 -10.24 -21.63 14.39
CA LYS A 443 -11.49 -20.95 14.10
C LYS A 443 -11.40 -19.50 14.56
N VAL A 444 -12.19 -18.64 13.94
CA VAL A 444 -12.26 -17.25 14.33
C VAL A 444 -13.02 -17.17 15.67
N PRO A 445 -12.39 -16.54 16.68
CA PRO A 445 -13.05 -16.35 17.97
C PRO A 445 -14.48 -15.86 17.84
N ARG A 446 -15.40 -16.47 18.58
CA ARG A 446 -16.83 -16.15 18.52
C ARG A 446 -17.14 -14.66 18.58
N ILE A 447 -16.38 -13.92 19.38
CA ILE A 447 -16.59 -12.50 19.56
C ILE A 447 -16.52 -11.73 18.22
N TYR A 448 -15.67 -12.20 17.31
CA TYR A 448 -15.47 -11.53 16.04
C TYR A 448 -16.65 -11.62 15.08
N TYR A 449 -17.62 -12.47 15.38
CA TYR A 449 -18.82 -12.55 14.58
C TYR A 449 -19.60 -11.26 14.77
N TYR A 450 -19.70 -10.83 16.02
CA TYR A 450 -20.41 -9.61 16.38
C TYR A 450 -19.60 -8.36 16.01
N VAL A 451 -18.28 -8.50 15.97
CA VAL A 451 -17.41 -7.43 15.49
C VAL A 451 -17.67 -7.19 14.00
N MET A 452 -17.57 -8.26 13.21
CA MET A 452 -17.75 -8.17 11.76
C MET A 452 -19.15 -7.72 11.37
N ARG A 453 -20.16 -8.20 12.09
CA ARG A 453 -21.54 -7.88 11.74
C ARG A 453 -22.00 -6.50 12.20
N TYR A 454 -21.56 -6.10 13.39
CA TYR A 454 -22.05 -4.86 13.99
C TYR A 454 -21.00 -3.77 14.22
N ILE A 455 -19.88 -4.14 14.86
CA ILE A 455 -18.88 -3.16 15.28
C ILE A 455 -18.11 -2.54 14.12
N THR A 456 -17.54 -3.39 13.26
CA THR A 456 -16.76 -2.95 12.12
C THR A 456 -17.52 -2.05 11.12
N PRO A 457 -18.74 -2.46 10.69
CA PRO A 457 -19.42 -1.55 9.76
C PRO A 457 -19.81 -0.19 10.38
N ALA A 458 -20.18 -0.19 11.65
CA ALA A 458 -20.56 1.05 12.34
C ALA A 458 -19.35 1.97 12.54
N PHE A 459 -18.21 1.35 12.84
CA PHE A 459 -16.93 2.04 12.99
C PHE A 459 -16.57 2.77 11.71
N LEU A 460 -16.61 2.05 10.60
CA LEU A 460 -16.27 2.61 9.28
C LEU A 460 -17.27 3.65 8.82
N ALA A 461 -18.56 3.40 9.07
CA ALA A 461 -19.61 4.33 8.65
C ALA A 461 -19.49 5.66 9.39
N VAL A 462 -19.31 5.60 10.71
CA VAL A 462 -19.13 6.80 11.52
C VAL A 462 -17.88 7.56 11.06
N LEU A 463 -16.80 6.81 10.85
CA LEU A 463 -15.54 7.37 10.36
C LEU A 463 -15.73 8.15 9.07
N LEU A 464 -16.35 7.52 8.08
CA LEU A 464 -16.61 8.16 6.80
C LEU A 464 -17.48 9.42 6.91
N VAL A 465 -18.43 9.40 7.84
CA VAL A 465 -19.31 10.55 8.07
C VAL A 465 -18.53 11.73 8.64
N VAL A 466 -17.81 11.47 9.74
CA VAL A 466 -16.96 12.48 10.37
C VAL A 466 -15.93 13.01 9.37
N TRP A 467 -15.51 12.14 8.46
CA TRP A 467 -14.55 12.50 7.41
C TRP A 467 -15.18 13.49 6.43
N ALA A 468 -16.31 13.08 5.85
CA ALA A 468 -16.98 13.87 4.82
C ALA A 468 -17.63 15.15 5.33
N ARG A 469 -17.83 15.26 6.65
CA ARG A 469 -18.42 16.47 7.21
C ARG A 469 -17.38 17.52 7.55
N GLU A 470 -16.31 17.12 8.22
CA GLU A 470 -15.37 18.08 8.78
C GLU A 470 -13.99 18.12 8.13
N TYR A 471 -13.82 17.44 6.99
CA TYR A 471 -12.49 17.37 6.37
C TYR A 471 -12.46 17.45 4.84
N ILE A 472 -13.51 16.96 4.18
CA ILE A 472 -13.52 16.97 2.71
C ILE A 472 -13.99 18.27 2.04
N PRO A 473 -14.83 19.08 2.73
CA PRO A 473 -15.19 20.34 2.09
C PRO A 473 -14.00 21.31 2.01
N LYS A 474 -12.98 21.06 2.83
CA LYS A 474 -11.77 21.88 2.85
C LYS A 474 -10.84 21.55 1.67
N ILE A 475 -11.22 20.53 0.90
CA ILE A 475 -10.40 20.10 -0.25
C ILE A 475 -11.17 20.25 -1.56
N MET A 476 -12.50 20.36 -1.47
CA MET A 476 -13.32 20.54 -2.65
C MET A 476 -13.37 22.00 -3.10
N GLU A 477 -12.90 22.90 -2.23
CA GLU A 477 -12.88 24.33 -2.53
C GLU A 477 -11.46 24.88 -2.55
N GLU A 478 -10.57 24.25 -1.79
CA GLU A 478 -9.24 24.81 -1.55
C GLU A 478 -8.12 24.16 -2.38
N THR A 479 -8.38 23.92 -3.66
CA THR A 479 -7.37 23.31 -4.54
C THR A 479 -7.16 24.06 -5.86
N HIS A 480 -5.95 23.95 -6.41
CA HIS A 480 -5.60 24.49 -7.72
C HIS A 480 -6.44 23.77 -8.78
N TRP A 481 -6.77 24.47 -9.87
CA TRP A 481 -7.62 23.89 -10.91
C TRP A 481 -7.06 22.60 -11.53
N THR A 482 -5.75 22.43 -11.47
CA THR A 482 -5.11 21.26 -12.08
C THR A 482 -5.54 19.93 -11.46
N VAL A 483 -6.11 19.95 -10.26
CA VAL A 483 -6.63 18.71 -9.68
C VAL A 483 -7.70 18.08 -10.60
N TRP A 484 -8.40 18.91 -11.37
CA TRP A 484 -9.43 18.43 -12.28
C TRP A 484 -8.89 17.63 -13.45
N ILE A 485 -7.62 17.85 -13.79
CA ILE A 485 -6.99 17.04 -14.84
C ILE A 485 -6.92 15.59 -14.35
N THR A 486 -6.49 15.41 -13.12
CA THR A 486 -6.36 14.08 -12.53
C THR A 486 -7.74 13.46 -12.28
N ARG A 487 -8.63 14.22 -11.66
CA ARG A 487 -10.01 13.77 -11.47
C ARG A 487 -10.63 13.34 -12.80
N PHE A 488 -10.53 14.20 -13.82
CA PHE A 488 -11.01 13.85 -15.14
C PHE A 488 -10.43 12.52 -15.61
N TYR A 489 -9.11 12.36 -15.51
CA TYR A 489 -8.50 11.16 -16.04
C TYR A 489 -8.91 9.88 -15.31
N ILE A 490 -8.95 9.91 -13.98
CA ILE A 490 -9.28 8.68 -13.24
C ILE A 490 -10.78 8.35 -13.30
N ILE A 491 -11.61 9.36 -13.49
CA ILE A 491 -13.02 9.10 -13.75
C ILE A 491 -13.12 8.39 -15.10
N GLY A 492 -12.33 8.85 -16.06
CA GLY A 492 -12.22 8.17 -17.35
C GLY A 492 -11.73 6.73 -17.22
N LEU A 493 -10.83 6.49 -16.28
CA LEU A 493 -10.38 5.12 -16.03
C LEU A 493 -11.54 4.26 -15.46
N PHE A 494 -12.35 4.84 -14.58
CA PHE A 494 -13.49 4.10 -14.03
C PHE A 494 -14.47 3.73 -15.14
N LEU A 495 -14.73 4.68 -16.04
CA LEU A 495 -15.62 4.45 -17.16
C LEU A 495 -15.06 3.37 -18.09
N PHE A 496 -13.75 3.40 -18.29
CA PHE A 496 -13.05 2.40 -19.11
C PHE A 496 -13.23 1.01 -18.53
N LEU A 497 -13.08 0.89 -17.21
CA LEU A 497 -13.18 -0.40 -16.54
C LEU A 497 -14.63 -0.88 -16.51
N THR A 498 -15.56 0.06 -16.35
CA THR A 498 -16.98 -0.29 -16.41
C THR A 498 -17.29 -0.90 -17.77
N PHE A 499 -16.76 -0.29 -18.82
CA PHE A 499 -16.96 -0.78 -20.18
C PHE A 499 -16.41 -2.20 -20.37
N LEU A 500 -15.27 -2.51 -19.75
CA LEU A 500 -14.68 -3.85 -19.85
C LEU A 500 -15.54 -4.88 -19.12
N VAL A 501 -16.09 -4.49 -17.98
CA VAL A 501 -17.00 -5.36 -17.22
C VAL A 501 -18.23 -5.63 -18.10
N PHE A 502 -18.71 -4.60 -18.77
CA PHE A 502 -19.80 -4.73 -19.74
C PHE A 502 -19.42 -5.68 -20.88
N LEU A 503 -18.21 -5.56 -21.41
CA LEU A 503 -17.77 -6.44 -22.49
C LEU A 503 -17.65 -7.88 -22.03
N ALA A 504 -17.27 -8.06 -20.76
CA ALA A 504 -17.13 -9.40 -20.17
C ALA A 504 -18.47 -10.09 -19.95
N GLU A 505 -19.48 -9.34 -19.52
CA GLU A 505 -20.83 -9.91 -19.35
C GLU A 505 -21.40 -10.29 -20.72
N ARG A 506 -21.11 -9.50 -21.75
CA ARG A 506 -21.53 -9.81 -23.11
C ARG A 506 -20.86 -11.09 -23.63
N ARG A 507 -19.57 -11.24 -23.31
CA ARG A 507 -18.81 -12.41 -23.76
C ARG A 507 -19.36 -13.66 -23.11
N ARG A 508 -19.61 -13.57 -21.82
CA ARG A 508 -20.17 -14.64 -21.02
C ARG A 508 -21.53 -15.09 -21.56
N ASN A 509 -22.33 -14.12 -21.99
CA ASN A 509 -23.65 -14.41 -22.53
C ASN A 509 -23.60 -15.12 -23.87
N HIS A 510 -22.68 -14.72 -24.74
CA HIS A 510 -22.54 -15.32 -26.06
C HIS A 510 -21.97 -16.74 -25.97
N GLU A 511 -21.15 -16.99 -24.96
CA GLU A 511 -20.58 -18.31 -24.72
C GLU A 511 -21.65 -19.26 -24.19
N SER A 512 -22.53 -18.73 -23.34
CA SER A 512 -23.62 -19.49 -22.74
C SER A 512 -24.70 -19.83 -23.78
N ALA A 513 -24.85 -18.97 -24.78
CA ALA A 513 -25.81 -19.19 -25.84
C ALA A 513 -25.34 -20.29 -26.80
N GLY A 514 -24.05 -20.32 -27.08
CA GLY A 514 -23.48 -21.33 -27.96
C GLY A 514 -23.16 -22.65 -27.27
N THR A 515 -23.81 -22.90 -26.14
CA THR A 515 -23.62 -24.15 -25.40
C THR A 515 -24.96 -24.74 -24.94
#